data_3NGZ
#
_entry.id   3NGZ
#
_cell.length_a   96.747
_cell.length_b   105.585
_cell.length_c   47.180
_cell.angle_alpha   90.00
_cell.angle_beta   90.00
_cell.angle_gamma   90.00
#
_symmetry.space_group_name_H-M   'P 21 21 2'
#
loop_
_entity.id
_entity.type
_entity.pdbx_description
1 polymer 'Ribonuclease T'
2 polymer "5'-D(P*GP*C)-3'"
3 non-polymer 'MAGNESIUM ION'
4 non-polymer 'COBALT (II) ION'
5 water water
#
loop_
_entity_poly.entity_id
_entity_poly.type
_entity_poly.pdbx_seq_one_letter_code
_entity_poly.pdbx_strand_id
1 'polypeptide(L)'
;MGSSHHHHHHSSGLVPRGSHMSDNAQLTGLCDRFRGFYPVVIDVETAGFNAKTDALLEIAAITLKMDEQGWLMPDTTLHF
HVEPFVGANLQPEALAFNGIDPNDPDRGAVSGYEALHEIFKVVRKGIKASGCNRAIMVAHNANFDHSFMMAAAERASLKR
NPFHPFATFDTAALAGLALGQTVLSKACQTAGMDFDSTQAHSALYDTERTAVLFCEIVNRWKRLGGWPLSAAEEV
;
A,B
2 'polydeoxyribonucleotide' (DG)(DC) C,D
#
# COMPACT_ATOMS: atom_id res chain seq x y z
N THR A 28 -20.91 -5.68 13.64
CA THR A 28 -20.07 -6.88 13.51
C THR A 28 -20.17 -7.48 12.12
N GLY A 29 -20.63 -6.67 11.16
CA GLY A 29 -20.78 -7.12 9.78
C GLY A 29 -19.55 -6.79 8.94
N LEU A 30 -19.24 -7.67 8.01
CA LEU A 30 -18.11 -7.49 7.12
C LEU A 30 -18.20 -6.17 6.34
N CYS A 31 -19.41 -5.84 5.87
CA CYS A 31 -19.64 -4.63 5.09
C CYS A 31 -19.50 -3.34 5.93
N ASP A 32 -19.68 -3.47 7.24
CA ASP A 32 -19.50 -2.34 8.16
C ASP A 32 -18.01 -2.10 8.43
N ARG A 33 -17.20 -3.16 8.34
CA ARG A 33 -15.82 -3.08 8.80
C ARG A 33 -14.94 -2.11 8.00
N PHE A 34 -15.04 -2.16 6.68
CA PHE A 34 -14.18 -1.34 5.82
C PHE A 34 -14.99 -0.47 4.88
N ARG A 35 -15.90 0.31 5.43
CA ARG A 35 -16.86 1.10 4.65
C ARG A 35 -17.32 0.45 3.34
N GLY A 36 -17.69 -0.82 3.39
CA GLY A 36 -18.29 -1.48 2.25
C GLY A 36 -17.30 -2.11 1.26
N PHE A 37 -16.02 -2.05 1.58
CA PHE A 37 -15.04 -2.80 0.81
C PHE A 37 -15.07 -4.28 1.22
N TYR A 38 -15.17 -5.15 0.22
CA TYR A 38 -15.16 -6.59 0.41
C TYR A 38 -13.72 -7.09 0.21
N PRO A 39 -13.02 -7.39 1.30
CA PRO A 39 -11.58 -7.68 1.16
C PRO A 39 -11.31 -9.07 0.58
N VAL A 40 -10.47 -9.11 -0.47
CA VAL A 40 -10.09 -10.36 -1.12
C VAL A 40 -8.56 -10.47 -1.18
N VAL A 41 -8.02 -11.51 -0.57
CA VAL A 41 -6.59 -11.70 -0.51
C VAL A 41 -6.12 -12.32 -1.81
N ILE A 42 -5.05 -11.76 -2.39
CA ILE A 42 -4.54 -12.21 -3.69
C ILE A 42 -3.02 -12.35 -3.66
N ASP A 43 -2.50 -13.36 -4.35
CA ASP A 43 -1.08 -13.42 -4.65
C ASP A 43 -0.86 -13.87 -6.09
N VAL A 44 0.10 -13.25 -6.77
CA VAL A 44 0.49 -13.70 -8.11
C VAL A 44 1.95 -14.11 -8.15
N GLU A 45 2.26 -15.01 -9.08
CA GLU A 45 3.65 -15.27 -9.43
C GLU A 45 3.74 -14.95 -10.90
N THR A 46 4.88 -14.41 -11.32
CA THR A 46 4.99 -13.78 -12.62
C THR A 46 6.32 -14.15 -13.27
N ALA A 47 6.45 -13.85 -14.56
CA ALA A 47 7.71 -14.05 -15.27
C ALA A 47 8.55 -12.76 -15.33
N GLY A 48 8.38 -11.89 -14.33
CA GLY A 48 9.17 -10.67 -14.26
C GLY A 48 8.49 -9.53 -13.52
N PHE A 49 9.07 -8.33 -13.62
CA PHE A 49 8.61 -7.19 -12.82
C PHE A 49 7.64 -6.27 -13.56
N ASN A 50 7.52 -6.45 -14.85
CA ASN A 50 6.68 -5.54 -15.64
C ASN A 50 5.26 -6.09 -15.83
N ALA A 51 4.29 -5.44 -15.20
CA ALA A 51 2.91 -5.87 -15.26
C ALA A 51 2.31 -5.79 -16.66
N LYS A 52 2.81 -4.87 -17.46
CA LYS A 52 2.30 -4.70 -18.83
C LYS A 52 2.79 -5.78 -19.79
N THR A 53 4.06 -6.17 -19.66
CA THR A 53 4.71 -7.01 -20.66
C THR A 53 5.04 -8.44 -20.20
N ASP A 54 5.14 -8.67 -18.90
CA ASP A 54 5.56 -9.99 -18.40
C ASP A 54 4.40 -10.93 -18.11
N ALA A 55 4.63 -12.23 -18.30
CA ALA A 55 3.56 -13.20 -18.12
C ALA A 55 3.10 -13.29 -16.67
N LEU A 56 1.80 -13.48 -16.49
CA LEU A 56 1.26 -13.90 -15.21
C LEU A 56 1.36 -15.41 -15.26
N LEU A 57 1.84 -16.04 -14.18
CA LEU A 57 2.06 -17.48 -14.16
C LEU A 57 1.23 -18.24 -13.12
N GLU A 58 0.92 -17.58 -12.00
CA GLU A 58 0.04 -18.17 -11.00
C GLU A 58 -0.79 -17.07 -10.36
N ILE A 59 -1.99 -17.42 -9.91
CA ILE A 59 -2.78 -16.50 -9.12
C ILE A 59 -3.69 -17.30 -8.20
N ALA A 60 -3.78 -16.86 -6.95
CA ALA A 60 -4.68 -17.44 -5.97
C ALA A 60 -5.48 -16.32 -5.32
N ALA A 61 -6.66 -16.65 -4.81
CA ALA A 61 -7.55 -15.67 -4.21
C ALA A 61 -8.31 -16.28 -3.05
N ILE A 62 -8.36 -15.56 -1.93
CA ILE A 62 -9.11 -16.01 -0.78
C ILE A 62 -10.03 -14.90 -0.31
N THR A 63 -11.34 -15.15 -0.38
CA THR A 63 -12.33 -14.23 0.15
C THR A 63 -12.42 -14.42 1.66
N LEU A 64 -12.97 -13.41 2.34
CA LEU A 64 -13.05 -13.46 3.79
C LEU A 64 -14.51 -13.33 4.25
N LYS A 65 -14.77 -13.75 5.49
CA LYS A 65 -16.08 -13.60 6.08
C LYS A 65 -15.91 -13.26 7.56
N MET A 66 -16.95 -12.70 8.15
CA MET A 66 -16.97 -12.44 9.59
C MET A 66 -18.05 -13.27 10.25
N ASP A 67 -17.76 -13.82 11.42
CA ASP A 67 -18.81 -14.52 12.16
C ASP A 67 -19.75 -13.52 12.86
N GLU A 68 -20.74 -14.03 13.58
CA GLU A 68 -21.74 -13.15 14.17
C GLU A 68 -21.12 -12.26 15.24
N GLN A 69 -19.98 -12.65 15.78
CA GLN A 69 -19.30 -11.83 16.79
C GLN A 69 -18.32 -10.83 16.19
N GLY A 70 -18.16 -10.88 14.87
CA GLY A 70 -17.35 -9.88 14.19
C GLY A 70 -15.90 -10.29 13.96
N TRP A 71 -15.60 -11.57 14.17
CA TRP A 71 -14.25 -12.09 13.92
C TRP A 71 -14.07 -12.40 12.43
N LEU A 72 -12.88 -12.08 11.91
CA LEU A 72 -12.61 -12.21 10.48
C LEU A 72 -11.85 -13.50 10.18
N MET A 73 -12.26 -14.22 9.13
CA MET A 73 -11.61 -15.47 8.77
C MET A 73 -11.78 -15.75 7.28
N PRO A 74 -10.98 -16.68 6.75
CA PRO A 74 -11.05 -17.04 5.33
C PRO A 74 -12.39 -17.67 4.98
N ASP A 75 -12.86 -17.41 3.77
CA ASP A 75 -14.10 -17.98 3.29
C ASP A 75 -13.79 -18.93 2.12
N THR A 76 -13.83 -18.41 0.90
CA THR A 76 -13.57 -19.24 -0.29
C THR A 76 -12.13 -19.12 -0.78
N THR A 77 -11.55 -20.24 -1.17
CA THR A 77 -10.20 -20.28 -1.73
C THR A 77 -10.19 -20.74 -3.21
N LEU A 78 -9.42 -20.04 -4.03
CA LEU A 78 -9.23 -20.39 -5.44
C LEU A 78 -7.75 -20.30 -5.79
N HIS A 79 -7.32 -21.10 -6.76
CA HIS A 79 -5.92 -21.09 -7.17
C HIS A 79 -5.75 -21.62 -8.60
N PHE A 80 -4.81 -21.04 -9.33
CA PHE A 80 -4.63 -21.37 -10.73
C PHE A 80 -3.17 -21.29 -11.14
N HIS A 81 -2.75 -22.26 -11.95
CA HIS A 81 -1.55 -22.08 -12.76
C HIS A 81 -1.98 -21.38 -14.05
N VAL A 82 -1.25 -20.34 -14.44
CA VAL A 82 -1.70 -19.52 -15.55
C VAL A 82 -0.78 -19.70 -16.75
N GLU A 83 -1.39 -19.95 -17.90
CA GLU A 83 -0.66 -20.05 -19.15
C GLU A 83 -0.19 -18.66 -19.56
N PRO A 84 1.07 -18.54 -20.00
CA PRO A 84 1.58 -17.22 -20.40
C PRO A 84 0.77 -16.65 -21.56
N PHE A 85 0.31 -15.40 -21.45
CA PHE A 85 -0.48 -14.80 -22.52
C PHE A 85 0.32 -14.67 -23.83
N VAL A 86 -0.39 -14.68 -24.95
CA VAL A 86 0.26 -14.60 -26.26
C VAL A 86 0.98 -13.26 -26.42
N GLY A 87 2.28 -13.32 -26.67
CA GLY A 87 3.11 -12.13 -26.80
C GLY A 87 3.81 -11.77 -25.50
N ALA A 88 3.59 -12.59 -24.48
CA ALA A 88 4.16 -12.31 -23.16
C ALA A 88 5.68 -12.41 -23.20
N ASN A 89 6.35 -11.55 -22.45
CA ASN A 89 7.77 -11.68 -22.18
C ASN A 89 7.97 -12.59 -20.97
N LEU A 90 9.06 -13.37 -20.97
CA LEU A 90 9.43 -14.23 -19.86
C LEU A 90 10.90 -14.00 -19.51
N GLN A 91 11.15 -13.44 -18.35
CA GLN A 91 12.51 -13.17 -17.87
C GLN A 91 13.16 -14.43 -17.30
N PRO A 92 14.32 -14.82 -17.84
CA PRO A 92 15.01 -16.00 -17.31
C PRO A 92 15.20 -15.91 -15.80
N GLU A 93 15.61 -14.73 -15.33
CA GLU A 93 15.90 -14.54 -13.92
C GLU A 93 14.67 -14.75 -13.05
N ALA A 94 13.50 -14.40 -13.58
CA ALA A 94 12.25 -14.57 -12.83
C ALA A 94 11.90 -16.04 -12.68
N LEU A 95 12.04 -16.81 -13.75
CA LEU A 95 11.77 -18.25 -13.70
C LEU A 95 12.75 -18.97 -12.79
N ALA A 96 14.02 -18.57 -12.85
CA ALA A 96 15.00 -19.12 -11.93
C ALA A 96 14.67 -18.77 -10.48
N PHE A 97 14.05 -17.62 -10.28
CA PHE A 97 13.74 -17.21 -8.93
C PHE A 97 12.60 -18.06 -8.37
N ASN A 98 11.50 -18.10 -9.09
CA ASN A 98 10.30 -18.78 -8.59
C ASN A 98 10.18 -20.26 -8.94
N GLY A 99 11.10 -20.79 -9.73
CA GLY A 99 11.12 -22.21 -10.07
C GLY A 99 10.09 -22.69 -11.09
N ILE A 100 9.32 -21.76 -11.63
CA ILE A 100 8.25 -22.09 -12.56
C ILE A 100 8.76 -22.35 -13.98
N ASP A 101 8.32 -23.47 -14.58
CA ASP A 101 8.58 -23.76 -16.00
C ASP A 101 7.26 -23.80 -16.77
N PRO A 102 6.93 -22.70 -17.47
CA PRO A 102 5.65 -22.57 -18.18
C PRO A 102 5.48 -23.58 -19.31
N ASN A 103 6.58 -24.17 -19.77
CA ASN A 103 6.53 -25.16 -20.85
C ASN A 103 6.21 -26.59 -20.41
N ASP A 104 6.06 -26.80 -19.11
CA ASP A 104 5.78 -28.11 -18.56
C ASP A 104 4.29 -28.44 -18.71
N PRO A 105 3.96 -29.42 -19.56
CA PRO A 105 2.56 -29.69 -19.89
C PRO A 105 1.81 -30.38 -18.76
N ASP A 106 2.51 -30.72 -17.68
CA ASP A 106 1.85 -31.32 -16.52
C ASP A 106 1.46 -30.30 -15.44
N ARG A 107 1.55 -29.01 -15.75
CA ARG A 107 1.32 -27.99 -14.72
C ARG A 107 -0.15 -27.54 -14.56
N GLY A 108 -1.04 -28.13 -15.36
CA GLY A 108 -2.46 -27.88 -15.20
C GLY A 108 -2.84 -26.41 -15.38
N ALA A 109 -2.19 -25.76 -16.33
CA ALA A 109 -2.40 -24.34 -16.59
C ALA A 109 -3.73 -24.08 -17.28
N VAL A 110 -4.34 -22.95 -16.94
CA VAL A 110 -5.50 -22.45 -17.65
C VAL A 110 -5.20 -21.04 -18.16
N SER A 111 -6.05 -20.51 -19.02
CA SER A 111 -5.86 -19.16 -19.53
C SER A 111 -6.08 -18.13 -18.42
N GLY A 112 -5.48 -16.96 -18.60
CA GLY A 112 -5.72 -15.85 -17.68
C GLY A 112 -7.20 -15.51 -17.62
N TYR A 113 -7.86 -15.57 -18.78
CA TYR A 113 -9.29 -15.32 -18.86
C TYR A 113 -10.03 -16.25 -17.90
N GLU A 114 -9.69 -17.53 -17.96
CA GLU A 114 -10.42 -18.52 -17.18
C GLU A 114 -10.18 -18.31 -15.70
N ALA A 115 -8.92 -18.07 -15.34
CA ALA A 115 -8.56 -17.87 -13.95
C ALA A 115 -9.31 -16.67 -13.36
N LEU A 116 -9.17 -15.51 -14.01
CA LEU A 116 -9.80 -14.29 -13.52
C LEU A 116 -11.33 -14.27 -13.62
N HIS A 117 -11.86 -14.84 -14.69
CA HIS A 117 -13.31 -14.93 -14.82
C HIS A 117 -13.90 -15.66 -13.62
N GLU A 118 -13.25 -16.76 -13.21
CA GLU A 118 -13.73 -17.55 -12.08
C GLU A 118 -13.54 -16.82 -10.75
N ILE A 119 -12.43 -16.12 -10.60
CA ILE A 119 -12.20 -15.32 -9.39
C ILE A 119 -13.22 -14.20 -9.30
N PHE A 120 -13.46 -13.50 -10.39
CA PHE A 120 -14.42 -12.39 -10.40
C PHE A 120 -15.83 -12.87 -10.06
N LYS A 121 -16.19 -14.05 -10.55
CA LYS A 121 -17.51 -14.60 -10.29
C LYS A 121 -17.69 -14.88 -8.80
N VAL A 122 -16.69 -15.50 -8.20
CA VAL A 122 -16.77 -15.79 -6.77
C VAL A 122 -16.81 -14.50 -5.98
N VAL A 123 -16.05 -13.51 -6.41
CA VAL A 123 -15.99 -12.24 -5.71
C VAL A 123 -17.30 -11.44 -5.79
N ARG A 124 -17.88 -11.32 -6.99
CA ARG A 124 -19.16 -10.61 -7.12
C ARG A 124 -20.22 -11.26 -6.24
N LYS A 125 -20.21 -12.58 -6.21
CA LYS A 125 -21.18 -13.31 -5.42
C LYS A 125 -21.03 -12.98 -3.93
N GLY A 126 -19.79 -12.90 -3.47
CA GLY A 126 -19.52 -12.56 -2.09
C GLY A 126 -19.94 -11.14 -1.76
N ILE A 127 -19.68 -10.23 -2.69
CA ILE A 127 -20.03 -8.83 -2.50
C ILE A 127 -21.54 -8.68 -2.34
N LYS A 128 -22.28 -9.33 -3.21
CA LYS A 128 -23.74 -9.32 -3.17
C LYS A 128 -24.24 -9.93 -1.86
N ALA A 129 -23.75 -11.13 -1.56
CA ALA A 129 -24.17 -11.85 -0.36
C ALA A 129 -23.94 -11.08 0.93
N SER A 130 -22.86 -10.31 0.98
CA SER A 130 -22.50 -9.62 2.22
C SER A 130 -22.96 -8.17 2.26
N GLY A 131 -23.48 -7.67 1.13
CA GLY A 131 -23.98 -6.32 1.05
C GLY A 131 -22.89 -5.25 0.97
N CYS A 132 -21.76 -5.61 0.39
CA CYS A 132 -20.67 -4.67 0.15
C CYS A 132 -20.91 -3.95 -1.18
N ASN A 133 -20.09 -2.94 -1.47
CA ASN A 133 -20.22 -2.27 -2.76
C ASN A 133 -19.10 -2.56 -3.77
N ARG A 134 -17.90 -2.89 -3.28
CA ARG A 134 -16.78 -3.24 -4.17
C ARG A 134 -15.74 -4.07 -3.45
N ALA A 135 -14.94 -4.80 -4.22
CA ALA A 135 -13.88 -5.61 -3.64
C ALA A 135 -12.62 -4.75 -3.50
N ILE A 136 -11.80 -5.06 -2.49
CA ILE A 136 -10.51 -4.41 -2.33
C ILE A 136 -9.45 -5.48 -2.19
N MET A 137 -8.35 -5.33 -2.92
CA MET A 137 -7.31 -6.34 -2.89
C MET A 137 -6.49 -6.26 -1.62
N VAL A 138 -6.33 -7.40 -0.95
CA VAL A 138 -5.42 -7.52 0.18
C VAL A 138 -4.22 -8.32 -0.33
N ALA A 139 -3.02 -7.79 -0.15
CA ALA A 139 -1.82 -8.47 -0.67
C ALA A 139 -0.55 -7.94 -0.03
N HIS A 140 0.51 -8.74 -0.08
CA HIS A 140 1.75 -8.33 0.54
C HIS A 140 2.60 -7.58 -0.49
N ASN A 141 2.87 -6.30 -0.22
CA ASN A 141 3.37 -5.39 -1.23
C ASN A 141 2.36 -5.32 -2.36
N ALA A 142 1.14 -4.91 -2.00
CA ALA A 142 -0.04 -5.07 -2.82
C ALA A 142 0.00 -4.40 -4.21
N ASN A 143 0.77 -3.32 -4.35
CA ASN A 143 0.82 -2.65 -5.66
C ASN A 143 1.21 -3.63 -6.77
N PHE A 144 2.23 -4.44 -6.50
CA PHE A 144 2.74 -5.41 -7.46
C PHE A 144 1.60 -6.29 -7.93
N ASP A 145 0.93 -6.96 -7.00
CA ASP A 145 -0.14 -7.88 -7.34
C ASP A 145 -1.30 -7.17 -8.04
N HIS A 146 -1.61 -5.97 -7.57
CA HIS A 146 -2.69 -5.20 -8.15
C HIS A 146 -2.40 -4.90 -9.62
N SER A 147 -1.21 -4.37 -9.88
CA SER A 147 -0.75 -4.11 -11.25
C SER A 147 -0.91 -5.31 -12.15
N PHE A 148 -0.43 -6.46 -11.70
CA PHE A 148 -0.53 -7.66 -12.51
C PHE A 148 -1.98 -8.11 -12.72
N MET A 149 -2.77 -8.14 -11.65
CA MET A 149 -4.14 -8.59 -11.79
C MET A 149 -4.92 -7.68 -12.74
N MET A 150 -4.73 -6.37 -12.59
CA MET A 150 -5.44 -5.41 -13.42
C MET A 150 -5.07 -5.61 -14.89
N ALA A 151 -3.78 -5.76 -15.16
CA ALA A 151 -3.32 -5.98 -16.52
C ALA A 151 -3.92 -7.25 -17.12
N ALA A 152 -3.99 -8.32 -16.33
CA ALA A 152 -4.55 -9.59 -16.79
C ALA A 152 -6.05 -9.45 -17.09
N ALA A 153 -6.76 -8.69 -16.26
CA ALA A 153 -8.18 -8.47 -16.46
C ALA A 153 -8.38 -7.75 -17.78
N GLU A 154 -7.51 -6.77 -18.02
CA GLU A 154 -7.54 -5.94 -19.21
C GLU A 154 -7.24 -6.76 -20.46
N ARG A 155 -6.24 -7.63 -20.39
CA ARG A 155 -5.93 -8.51 -21.52
C ARG A 155 -7.13 -9.42 -21.85
N ALA A 156 -7.86 -9.81 -20.81
CA ALA A 156 -8.97 -10.75 -20.98
C ALA A 156 -10.27 -10.05 -21.38
N SER A 157 -10.26 -8.73 -21.40
CA SER A 157 -11.45 -7.95 -21.73
C SER A 157 -12.59 -8.22 -20.76
N LEU A 158 -12.25 -8.35 -19.48
CA LEU A 158 -13.28 -8.64 -18.48
C LEU A 158 -14.03 -7.37 -18.12
N LYS A 159 -15.35 -7.49 -18.03
CA LYS A 159 -16.22 -6.35 -17.75
C LYS A 159 -16.59 -6.30 -16.27
N ARG A 160 -16.91 -5.11 -15.79
CA ARG A 160 -17.37 -4.98 -14.42
C ARG A 160 -16.42 -5.70 -13.46
N ASN A 161 -15.14 -5.34 -13.56
CA ASN A 161 -14.14 -5.78 -12.60
C ASN A 161 -14.63 -5.42 -11.20
N PRO A 162 -14.84 -6.43 -10.34
CA PRO A 162 -15.33 -6.13 -8.98
C PRO A 162 -14.35 -5.31 -8.12
N PHE A 163 -13.07 -5.34 -8.47
CA PHE A 163 -12.04 -4.75 -7.63
C PHE A 163 -11.92 -3.23 -7.78
N HIS A 164 -11.60 -2.55 -6.69
CA HIS A 164 -11.32 -1.12 -6.74
C HIS A 164 -10.11 -0.90 -7.63
N PRO A 165 -10.19 0.09 -8.53
CA PRO A 165 -9.14 0.35 -9.53
C PRO A 165 -7.79 0.79 -8.97
N PHE A 166 -7.72 1.30 -7.74
CA PHE A 166 -6.42 1.70 -7.19
C PHE A 166 -6.21 1.49 -5.69
N ALA A 167 -7.30 1.37 -4.93
CA ALA A 167 -7.16 1.13 -3.49
C ALA A 167 -6.75 -0.31 -3.20
N THR A 168 -5.82 -0.48 -2.27
CA THR A 168 -5.47 -1.81 -1.79
C THR A 168 -5.25 -1.81 -0.28
N PHE A 169 -5.13 -3.01 0.28
CA PHE A 169 -4.74 -3.19 1.66
C PHE A 169 -3.42 -3.95 1.64
N ASP A 170 -2.31 -3.22 1.68
CA ASP A 170 -0.99 -3.82 1.68
C ASP A 170 -0.64 -4.39 3.05
N THR A 171 -0.44 -5.71 3.12
CA THR A 171 -0.13 -6.33 4.40
C THR A 171 1.29 -6.04 4.90
N ALA A 172 2.17 -5.62 4.01
CA ALA A 172 3.51 -5.22 4.43
C ALA A 172 3.40 -4.01 5.37
N ALA A 173 2.64 -3.02 4.93
CA ALA A 173 2.39 -1.84 5.74
C ALA A 173 1.63 -2.18 7.03
N LEU A 174 0.62 -3.03 6.92
CA LEU A 174 -0.17 -3.41 8.09
C LEU A 174 0.67 -4.19 9.10
N ALA A 175 1.51 -5.10 8.60
CA ALA A 175 2.44 -5.84 9.44
C ALA A 175 3.47 -4.91 10.07
N GLY A 176 3.91 -3.92 9.31
CA GLY A 176 4.81 -2.92 9.85
C GLY A 176 4.21 -2.32 11.11
N LEU A 177 2.94 -1.92 11.04
CA LEU A 177 2.24 -1.35 12.19
C LEU A 177 2.02 -2.38 13.29
N ALA A 178 1.37 -3.48 12.94
CA ALA A 178 0.95 -4.45 13.93
C ALA A 178 2.11 -5.19 14.57
N LEU A 179 3.13 -5.52 13.77
CA LEU A 179 4.16 -6.47 14.20
C LEU A 179 5.58 -5.92 14.08
N GLY A 180 5.71 -4.69 13.61
CA GLY A 180 7.03 -4.13 13.38
C GLY A 180 7.87 -4.90 12.36
N GLN A 181 7.22 -5.59 11.42
CA GLN A 181 7.93 -6.34 10.37
C GLN A 181 7.26 -6.12 9.02
N THR A 182 8.04 -6.09 7.94
CA THR A 182 7.45 -5.86 6.60
C THR A 182 7.60 -7.03 5.63
N VAL A 183 8.48 -7.97 5.96
CA VAL A 183 8.71 -9.15 5.13
C VAL A 183 7.72 -10.26 5.49
N LEU A 184 7.06 -10.82 4.48
CA LEU A 184 5.99 -11.81 4.73
C LEU A 184 6.39 -12.89 5.75
N SER A 185 7.45 -13.65 5.47
CA SER A 185 7.84 -14.76 6.33
C SER A 185 8.14 -14.31 7.76
N LYS A 186 8.84 -13.20 7.91
CA LYS A 186 9.16 -12.70 9.24
C LYS A 186 7.93 -12.20 9.98
N ALA A 187 7.00 -11.61 9.23
CA ALA A 187 5.75 -11.13 9.81
C ALA A 187 4.93 -12.29 10.33
N CYS A 188 4.75 -13.31 9.49
CA CYS A 188 4.04 -14.51 9.94
C CYS A 188 4.71 -15.12 11.18
N GLN A 189 6.04 -15.21 11.17
CA GLN A 189 6.74 -15.76 12.32
C GLN A 189 6.48 -14.95 13.59
N THR A 190 6.69 -13.65 13.50
CA THR A 190 6.45 -12.74 14.62
C THR A 190 5.02 -12.85 15.14
N ALA A 191 4.10 -13.16 14.23
CA ALA A 191 2.69 -13.31 14.59
C ALA A 191 2.43 -14.67 15.18
N GLY A 192 3.46 -15.50 15.27
CA GLY A 192 3.29 -16.85 15.81
C GLY A 192 2.71 -17.85 14.83
N MET A 193 2.84 -17.56 13.53
CA MET A 193 2.39 -18.46 12.49
C MET A 193 3.56 -19.27 11.94
N ASP A 194 3.28 -20.48 11.48
CA ASP A 194 4.26 -21.25 10.71
C ASP A 194 4.50 -20.53 9.39
N PHE A 195 5.70 -20.70 8.84
CA PHE A 195 5.98 -20.30 7.47
C PHE A 195 7.08 -21.17 6.88
N ASP A 196 6.69 -21.94 5.87
CA ASP A 196 7.55 -22.93 5.23
C ASP A 196 8.16 -22.32 3.98
N SER A 197 9.46 -22.03 4.05
CA SER A 197 10.15 -21.38 2.94
C SER A 197 10.17 -22.21 1.65
N THR A 198 10.01 -23.52 1.73
CA THR A 198 10.00 -24.34 0.51
C THR A 198 8.74 -24.11 -0.31
N GLN A 199 7.74 -23.47 0.30
CA GLN A 199 6.48 -23.22 -0.39
C GLN A 199 6.33 -21.76 -0.77
N ALA A 200 7.41 -20.99 -0.59
CA ALA A 200 7.35 -19.53 -0.70
C ALA A 200 7.06 -19.01 -2.11
N HIS A 201 7.33 -19.82 -3.13
CA HIS A 201 7.11 -19.38 -4.51
C HIS A 201 5.76 -19.82 -5.05
N SER A 202 4.91 -20.38 -4.18
CA SER A 202 3.58 -20.81 -4.57
C SER A 202 2.53 -19.75 -4.24
N ALA A 203 1.80 -19.29 -5.26
CA ALA A 203 0.80 -18.25 -5.05
C ALA A 203 -0.21 -18.69 -4.02
N LEU A 204 -0.64 -19.95 -4.11
CA LEU A 204 -1.64 -20.46 -3.17
C LEU A 204 -1.17 -20.40 -1.72
N TYR A 205 0.04 -20.89 -1.46
CA TYR A 205 0.59 -20.88 -0.10
C TYR A 205 0.73 -19.46 0.42
N ASP A 206 1.33 -18.60 -0.39
CA ASP A 206 1.50 -17.18 -0.03
C ASP A 206 0.15 -16.54 0.27
N THR A 207 -0.85 -16.83 -0.55
CA THR A 207 -2.15 -16.21 -0.33
C THR A 207 -2.74 -16.69 0.99
N GLU A 208 -2.63 -17.98 1.28
CA GLU A 208 -3.19 -18.53 2.50
C GLU A 208 -2.51 -17.96 3.75
N ARG A 209 -1.19 -17.88 3.73
CA ARG A 209 -0.46 -17.28 4.84
C ARG A 209 -0.86 -15.80 5.02
N THR A 210 -0.99 -15.09 3.91
CA THR A 210 -1.32 -13.67 3.95
C THR A 210 -2.75 -13.45 4.45
N ALA A 211 -3.65 -14.38 4.14
CA ALA A 211 -5.02 -14.30 4.62
C ALA A 211 -5.04 -14.48 6.14
N VAL A 212 -4.32 -15.50 6.62
CA VAL A 212 -4.25 -15.75 8.05
C VAL A 212 -3.58 -14.57 8.75
N LEU A 213 -2.52 -14.04 8.15
CA LEU A 213 -1.84 -12.89 8.72
C LEU A 213 -2.79 -11.70 8.84
N PHE A 214 -3.44 -11.36 7.73
CA PHE A 214 -4.36 -10.22 7.72
C PHE A 214 -5.43 -10.40 8.78
N CYS A 215 -6.01 -11.59 8.85
CA CYS A 215 -7.07 -11.87 9.81
C CYS A 215 -6.61 -11.75 11.26
N GLU A 216 -5.41 -12.20 11.55
CA GLU A 216 -4.92 -12.10 12.92
C GLU A 216 -4.59 -10.65 13.30
N ILE A 217 -4.15 -9.86 12.32
CA ILE A 217 -3.94 -8.44 12.55
C ILE A 217 -5.26 -7.71 12.80
N VAL A 218 -6.24 -7.92 11.95
CA VAL A 218 -7.55 -7.32 12.16
C VAL A 218 -8.16 -7.79 13.49
N ASN A 219 -8.17 -9.11 13.71
CA ASN A 219 -8.72 -9.67 14.94
C ASN A 219 -8.00 -9.22 16.21
N ARG A 220 -6.68 -9.05 16.14
CA ARG A 220 -5.94 -8.61 17.34
C ARG A 220 -6.29 -7.18 17.69
N TRP A 221 -6.51 -6.34 16.68
CA TRP A 221 -6.92 -4.96 16.90
C TRP A 221 -8.28 -4.94 17.61
N LYS A 222 -9.21 -5.74 17.13
CA LYS A 222 -10.50 -5.87 17.80
C LYS A 222 -10.36 -6.40 19.23
N ARG A 223 -9.57 -7.45 19.43
CA ARG A 223 -9.45 -8.04 20.75
C ARG A 223 -8.73 -7.15 21.77
N LEU A 224 -7.80 -6.30 21.31
CA LEU A 224 -7.14 -5.36 22.22
C LEU A 224 -8.04 -4.19 22.57
N GLY A 225 -9.19 -4.08 21.91
CA GLY A 225 -10.13 -3.03 22.21
C GLY A 225 -9.96 -1.79 21.35
N GLY A 226 -9.34 -1.96 20.19
CA GLY A 226 -9.18 -0.89 19.22
C GLY A 226 -10.33 -0.78 18.23
N TRP A 227 -11.14 -1.83 18.16
CA TRP A 227 -12.32 -1.84 17.32
C TRP A 227 -13.42 -2.67 17.99
N PRO A 228 -14.68 -2.22 17.90
CA PRO A 228 -15.09 -0.97 17.26
C PRO A 228 -14.61 0.25 18.03
N LEU A 229 -14.76 1.42 17.44
CA LEU A 229 -14.29 2.69 18.00
C LEU A 229 -14.83 3.02 19.38
N SER A 230 -16.01 2.51 19.70
CA SER A 230 -16.62 2.78 21.00
C SER A 230 -16.12 1.85 22.11
N ALA A 231 -15.40 0.79 21.75
CA ALA A 231 -14.96 -0.21 22.74
C ALA A 231 -14.09 0.39 23.85
N ALA A 232 -13.22 1.31 23.47
CA ALA A 232 -12.29 1.90 24.42
C ALA A 232 -12.97 2.48 25.67
N GLU A 233 -14.21 2.93 25.54
CA GLU A 233 -14.94 3.50 26.68
C GLU A 233 -16.00 2.56 27.29
N GLU A 234 -15.77 1.26 27.20
CA GLU A 234 -16.72 0.30 27.77
C GLU A 234 -16.02 -0.83 28.53
N THR B 28 12.29 1.56 22.33
CA THR B 28 11.61 2.84 22.21
C THR B 28 12.25 3.74 21.15
N GLY B 29 13.19 3.17 20.39
CA GLY B 29 13.85 3.90 19.33
C GLY B 29 13.15 3.78 18.00
N LEU B 30 13.22 4.84 17.20
CA LEU B 30 12.60 4.87 15.89
C LEU B 30 13.12 3.73 14.99
N CYS B 31 14.43 3.48 15.04
CA CYS B 31 15.05 2.43 14.24
C CYS B 31 14.59 1.02 14.65
N ASP B 32 14.06 0.91 15.85
CA ASP B 32 13.59 -0.36 16.39
C ASP B 32 12.16 -0.65 15.97
N ARG B 33 11.42 0.39 15.56
CA ARG B 33 9.98 0.26 15.39
C ARG B 33 9.57 -0.45 14.10
N PHE B 34 10.26 -0.15 13.00
CA PHE B 34 9.91 -0.71 11.70
C PHE B 34 11.13 -1.36 11.06
N ARG B 35 11.80 -2.24 11.81
CA ARG B 35 13.01 -2.91 11.36
C ARG B 35 14.01 -2.03 10.60
N GLY B 36 14.25 -0.83 11.10
CA GLY B 36 15.26 0.03 10.52
C GLY B 36 14.78 0.90 9.38
N PHE B 37 13.49 0.86 9.09
CA PHE B 37 12.92 1.78 8.11
C PHE B 37 12.68 3.14 8.77
N TYR B 38 13.14 4.19 8.11
CA TYR B 38 12.93 5.58 8.53
C TYR B 38 11.70 6.14 7.79
N PRO B 39 10.56 6.24 8.49
CA PRO B 39 9.33 6.69 7.82
C PRO B 39 9.37 8.18 7.43
N VAL B 40 9.12 8.47 6.17
CA VAL B 40 9.05 9.85 5.69
C VAL B 40 7.70 10.04 5.01
N VAL B 41 6.90 10.98 5.50
CA VAL B 41 5.58 11.21 4.97
C VAL B 41 5.69 12.09 3.73
N ILE B 42 5.04 11.69 2.65
CA ILE B 42 5.13 12.41 1.38
C ILE B 42 3.76 12.61 0.76
N ASP B 43 3.59 13.76 0.11
CA ASP B 43 2.44 13.98 -0.77
C ASP B 43 2.86 14.73 -2.02
N VAL B 44 2.29 14.38 -3.17
CA VAL B 44 2.54 15.11 -4.42
C VAL B 44 1.25 15.60 -5.03
N GLU B 45 1.35 16.68 -5.80
CA GLU B 45 0.29 17.08 -6.70
C GLU B 45 0.87 17.05 -8.10
N THR B 46 0.05 16.68 -9.07
CA THR B 46 0.55 16.37 -10.40
C THR B 46 -0.36 16.96 -11.47
N ALA B 47 0.11 16.89 -12.71
CA ALA B 47 -0.68 17.31 -13.86
C ALA B 47 -1.30 16.11 -14.58
N GLY B 48 -1.58 15.03 -13.86
CA GLY B 48 -2.24 13.89 -14.44
C GLY B 48 -1.99 12.60 -13.68
N PHE B 49 -2.43 11.47 -14.26
CA PHE B 49 -2.33 10.18 -13.58
C PHE B 49 -1.11 9.36 -13.97
N ASN B 50 -0.39 9.80 -14.99
CA ASN B 50 0.76 9.04 -15.47
C ASN B 50 2.10 9.54 -14.91
N ALA B 51 2.68 8.75 -14.01
CA ALA B 51 3.94 9.10 -13.36
C ALA B 51 5.11 9.24 -14.34
N LYS B 52 5.03 8.52 -15.46
CA LYS B 52 6.09 8.59 -16.48
C LYS B 52 6.04 9.87 -17.30
N THR B 53 4.84 10.26 -17.71
CA THR B 53 4.70 11.33 -18.68
C THR B 53 4.19 12.66 -18.10
N ASP B 54 3.49 12.61 -16.98
CA ASP B 54 2.83 13.82 -16.45
C ASP B 54 3.70 14.60 -15.44
N ALA B 55 3.54 15.92 -15.45
CA ALA B 55 4.36 16.78 -14.62
C ALA B 55 4.13 16.54 -13.13
N LEU B 56 5.18 16.66 -12.35
CA LEU B 56 5.06 16.75 -10.90
C LEU B 56 4.94 18.24 -10.68
N LEU B 57 3.98 18.65 -9.84
CA LEU B 57 3.68 20.07 -9.64
C LEU B 57 3.91 20.59 -8.21
N GLU B 58 3.74 19.71 -7.22
CA GLU B 58 4.01 20.03 -5.83
C GLU B 58 4.53 18.79 -5.12
N ILE B 59 5.40 18.98 -4.15
CA ILE B 59 5.78 17.88 -3.29
C ILE B 59 6.16 18.41 -1.91
N ALA B 60 5.72 17.70 -0.88
CA ALA B 60 6.03 18.04 0.49
C ALA B 60 6.50 16.78 1.19
N ALA B 61 7.33 16.95 2.22
CA ALA B 61 7.88 15.82 2.96
C ALA B 61 8.00 16.12 4.45
N ILE B 62 7.62 15.15 5.26
CA ILE B 62 7.73 15.32 6.71
C ILE B 62 8.42 14.09 7.29
N THR B 63 9.60 14.31 7.88
CA THR B 63 10.28 13.26 8.62
C THR B 63 9.64 13.13 10.01
N LEU B 64 9.83 11.98 10.63
CA LEU B 64 9.23 11.72 11.92
C LEU B 64 10.31 11.40 12.93
N LYS B 65 10.00 11.57 14.21
CA LYS B 65 10.91 11.17 15.28
C LYS B 65 10.12 10.54 16.43
N MET B 66 10.81 9.75 17.25
CA MET B 66 10.20 9.23 18.48
C MET B 66 10.86 9.89 19.66
N ASP B 67 10.10 10.18 20.70
CA ASP B 67 10.69 10.71 21.92
C ASP B 67 11.27 9.55 22.74
N GLU B 68 11.74 9.87 23.94
CA GLU B 68 12.42 8.90 24.77
C GLU B 68 11.49 7.77 25.17
N GLN B 69 10.20 8.08 25.28
CA GLN B 69 9.19 7.09 25.65
C GLN B 69 8.64 6.32 24.45
N GLY B 70 9.19 6.59 23.27
CA GLY B 70 8.80 5.82 22.10
C GLY B 70 7.53 6.32 21.42
N TRP B 71 7.16 7.57 21.67
CA TRP B 71 6.01 8.18 21.00
C TRP B 71 6.43 8.85 19.69
N LEU B 72 5.60 8.72 18.66
CA LEU B 72 5.96 9.16 17.32
C LEU B 72 5.38 10.55 17.02
N MET B 73 6.20 11.43 16.48
CA MET B 73 5.71 12.76 16.11
C MET B 73 6.47 13.32 14.93
N PRO B 74 5.90 14.36 14.28
CA PRO B 74 6.60 14.99 13.17
C PRO B 74 7.92 15.61 13.62
N ASP B 75 8.87 15.66 12.70
CA ASP B 75 10.19 16.20 12.95
C ASP B 75 10.44 17.38 11.99
N THR B 76 11.03 17.09 10.84
CA THR B 76 11.31 18.12 9.84
C THR B 76 10.26 18.17 8.72
N THR B 77 9.93 19.39 8.30
CA THR B 77 8.92 19.59 7.27
C THR B 77 9.52 20.36 6.09
N LEU B 78 9.31 19.86 4.87
CA LEU B 78 9.74 20.52 3.64
C LEU B 78 8.57 20.61 2.67
N HIS B 79 8.60 21.61 1.79
CA HIS B 79 7.54 21.79 0.80
C HIS B 79 8.00 22.60 -0.41
N PHE B 80 7.49 22.24 -1.59
CA PHE B 80 7.95 22.85 -2.82
C PHE B 80 6.85 22.93 -3.87
N HIS B 81 6.81 24.06 -4.58
CA HIS B 81 6.11 24.13 -5.87
C HIS B 81 7.13 23.68 -6.93
N VAL B 82 6.72 22.77 -7.81
CA VAL B 82 7.66 22.20 -8.76
C VAL B 82 7.34 22.63 -10.18
N GLU B 83 8.38 23.02 -10.90
CA GLU B 83 8.25 23.42 -12.30
C GLU B 83 8.08 22.17 -13.13
N PRO B 84 7.14 22.18 -14.08
CA PRO B 84 6.93 21.02 -14.96
C PRO B 84 8.22 20.70 -15.70
N PHE B 85 8.66 19.46 -15.65
CA PHE B 85 9.90 19.06 -16.32
C PHE B 85 9.80 19.24 -17.83
N VAL B 86 10.95 19.43 -18.46
CA VAL B 86 11.01 19.66 -19.90
C VAL B 86 10.47 18.46 -20.65
N GLY B 87 9.41 18.69 -21.43
CA GLY B 87 8.76 17.62 -22.18
C GLY B 87 7.56 17.00 -21.46
N ALA B 88 7.21 17.53 -20.29
CA ALA B 88 6.13 16.97 -19.48
C ALA B 88 4.76 17.15 -20.15
N ASN B 89 3.85 16.21 -19.93
CA ASN B 89 2.45 16.43 -20.30
C ASN B 89 1.69 17.06 -19.13
N LEU B 90 0.70 17.88 -19.46
CA LEU B 90 -0.18 18.48 -18.46
C LEU B 90 -1.63 18.31 -18.89
N GLN B 91 -2.36 17.50 -18.11
CA GLN B 91 -3.77 17.24 -18.35
C GLN B 91 -4.62 18.42 -17.89
N PRO B 92 -5.40 18.99 -18.81
CA PRO B 92 -6.30 20.09 -18.45
C PRO B 92 -7.16 19.70 -17.26
N GLU B 93 -7.75 18.51 -17.32
CA GLU B 93 -8.62 18.03 -16.26
C GLU B 93 -7.91 17.94 -14.92
N ALA B 94 -6.61 17.66 -14.94
CA ALA B 94 -5.84 17.55 -13.71
C ALA B 94 -5.62 18.94 -13.10
N LEU B 95 -5.33 19.91 -13.95
CA LEU B 95 -5.14 21.28 -13.49
C LEU B 95 -6.43 21.88 -12.98
N ALA B 96 -7.53 21.58 -13.65
CA ALA B 96 -8.84 22.01 -13.17
C ALA B 96 -9.19 21.34 -11.85
N PHE B 97 -8.64 20.16 -11.61
CA PHE B 97 -8.97 19.47 -10.38
C PHE B 97 -8.24 20.10 -9.20
N ASN B 98 -6.92 20.20 -9.31
CA ASN B 98 -6.12 20.67 -8.19
C ASN B 98 -5.98 22.20 -8.11
N GLY B 99 -6.38 22.89 -9.16
CA GLY B 99 -6.34 24.35 -9.18
C GLY B 99 -4.99 24.99 -9.46
N ILE B 100 -4.00 24.17 -9.79
CA ILE B 100 -2.64 24.67 -10.03
C ILE B 100 -2.49 25.27 -11.43
N ASP B 101 -1.84 26.43 -11.52
CA ASP B 101 -1.49 27.04 -12.82
C ASP B 101 0.04 27.18 -12.87
N PRO B 102 0.71 26.20 -13.51
CA PRO B 102 2.18 26.16 -13.56
C PRO B 102 2.77 27.33 -14.31
N ASN B 103 1.93 28.06 -15.05
CA ASN B 103 2.39 29.21 -15.81
C ASN B 103 2.39 30.50 -15.01
N ASP B 104 1.88 30.44 -13.79
CA ASP B 104 1.83 31.62 -12.93
C ASP B 104 3.20 31.88 -12.32
N PRO B 105 3.84 32.98 -12.74
CA PRO B 105 5.22 33.30 -12.33
C PRO B 105 5.35 33.61 -10.84
N ASP B 106 4.24 33.84 -10.15
CA ASP B 106 4.28 34.12 -8.71
C ASP B 106 4.19 32.86 -7.83
N ARG B 107 4.20 31.68 -8.44
CA ARG B 107 4.09 30.43 -7.67
C ARG B 107 5.40 29.97 -7.01
N GLY B 108 6.50 30.61 -7.34
CA GLY B 108 7.79 30.30 -6.74
C GLY B 108 8.24 28.86 -6.92
N ALA B 109 8.11 28.33 -8.13
CA ALA B 109 8.54 26.97 -8.43
C ALA B 109 10.05 26.82 -8.38
N VAL B 110 10.50 25.60 -8.09
CA VAL B 110 11.89 25.21 -8.26
C VAL B 110 11.89 23.95 -9.12
N SER B 111 13.07 23.52 -9.56
CA SER B 111 13.16 22.30 -10.35
C SER B 111 12.91 21.07 -9.49
N GLY B 112 12.51 19.97 -10.11
CA GLY B 112 12.37 18.72 -9.39
C GLY B 112 13.69 18.30 -8.75
N TYR B 113 14.78 18.54 -9.48
CA TYR B 113 16.12 18.26 -8.98
C TYR B 113 16.35 18.96 -7.67
N GLU B 114 16.05 20.27 -7.63
CA GLU B 114 16.26 21.06 -6.43
C GLU B 114 15.39 20.58 -5.29
N ALA B 115 14.13 20.32 -5.60
CA ALA B 115 13.20 19.86 -4.57
C ALA B 115 13.65 18.50 -4.02
N LEU B 116 13.83 17.53 -4.90
CA LEU B 116 14.18 16.18 -4.46
C LEU B 116 15.55 16.14 -3.80
N HIS B 117 16.51 16.89 -4.36
CA HIS B 117 17.84 16.92 -3.79
C HIS B 117 17.80 17.38 -2.33
N GLU B 118 16.96 18.37 -2.05
CA GLU B 118 16.85 18.91 -0.69
C GLU B 118 16.19 17.88 0.23
N ILE B 119 15.16 17.21 -0.28
CA ILE B 119 14.44 16.21 0.51
C ILE B 119 15.37 15.04 0.85
N PHE B 120 16.11 14.56 -0.13
CA PHE B 120 17.02 13.44 0.07
C PHE B 120 18.10 13.81 1.08
N LYS B 121 18.60 15.04 1.01
CA LYS B 121 19.61 15.49 1.95
C LYS B 121 19.08 15.42 3.39
N VAL B 122 17.89 15.95 3.62
CA VAL B 122 17.30 15.92 4.94
C VAL B 122 17.02 14.50 5.38
N VAL B 123 16.58 13.67 4.45
CA VAL B 123 16.23 12.28 4.78
C VAL B 123 17.48 11.47 5.17
N ARG B 124 18.54 11.57 4.36
CA ARG B 124 19.78 10.88 4.68
C ARG B 124 20.31 11.27 6.07
N LYS B 125 20.17 12.56 6.39
CA LYS B 125 20.65 13.04 7.67
C LYS B 125 19.85 12.43 8.82
N GLY B 126 18.54 12.33 8.63
CA GLY B 126 17.66 11.73 9.62
C GLY B 126 17.96 10.25 9.82
N ILE B 127 18.15 9.53 8.72
CA ILE B 127 18.48 8.11 8.74
C ILE B 127 19.74 7.85 9.55
N LYS B 128 20.78 8.64 9.29
CA LYS B 128 22.04 8.51 10.01
C LYS B 128 21.84 8.81 11.49
N ALA B 129 21.22 9.94 11.79
CA ALA B 129 21.03 10.37 13.16
C ALA B 129 20.27 9.34 14.00
N SER B 130 19.31 8.66 13.37
CA SER B 130 18.41 7.75 14.11
C SER B 130 18.92 6.31 14.12
N GLY B 131 19.93 6.03 13.31
CA GLY B 131 20.51 4.70 13.21
C GLY B 131 19.69 3.74 12.36
N CYS B 132 18.90 4.29 11.43
CA CYS B 132 18.11 3.48 10.51
C CYS B 132 18.97 3.06 9.33
N ASN B 133 18.44 2.24 8.43
CA ASN B 133 19.24 1.89 7.25
C ASN B 133 18.64 2.32 5.90
N ARG B 134 17.36 2.66 5.89
CA ARG B 134 16.68 3.03 4.66
C ARG B 134 15.41 3.79 5.00
N ALA B 135 15.00 4.70 4.11
CA ALA B 135 13.76 5.44 4.32
C ALA B 135 12.60 4.68 3.66
N ILE B 136 11.40 4.83 4.21
CA ILE B 136 10.23 4.27 3.57
C ILE B 136 9.19 5.36 3.43
N MET B 137 8.54 5.41 2.27
CA MET B 137 7.55 6.44 2.06
C MET B 137 6.26 6.12 2.82
N VAL B 138 5.75 7.10 3.55
CA VAL B 138 4.44 7.04 4.17
C VAL B 138 3.55 7.98 3.36
N ALA B 139 2.47 7.47 2.80
CA ALA B 139 1.59 8.31 1.97
C ALA B 139 0.20 7.72 1.84
N HIS B 140 -0.77 8.58 1.53
CA HIS B 140 -2.14 8.11 1.44
C HIS B 140 -2.41 7.64 0.02
N ASN B 141 -2.75 6.36 -0.13
CA ASN B 141 -2.70 5.71 -1.44
C ASN B 141 -1.29 5.78 -2.00
N ALA B 142 -0.35 5.25 -1.21
CA ALA B 142 1.08 5.48 -1.39
C ALA B 142 1.65 5.14 -2.76
N ASN B 143 1.03 4.20 -3.47
CA ASN B 143 1.58 3.82 -4.78
C ASN B 143 1.71 5.03 -5.71
N PHE B 144 0.66 5.84 -5.74
CA PHE B 144 0.60 7.01 -6.62
C PHE B 144 1.79 7.91 -6.36
N ASP B 145 1.94 8.33 -5.10
CA ASP B 145 3.02 9.23 -4.71
C ASP B 145 4.40 8.60 -4.91
N HIS B 146 4.52 7.33 -4.58
CA HIS B 146 5.78 6.62 -4.76
C HIS B 146 6.19 6.69 -6.22
N SER B 147 5.26 6.31 -7.10
CA SER B 147 5.50 6.32 -8.54
C SER B 147 5.98 7.66 -9.06
N PHE B 148 5.36 8.75 -8.60
CA PHE B 148 5.73 10.07 -9.08
C PHE B 148 7.07 10.52 -8.52
N MET B 149 7.29 10.28 -7.23
CA MET B 149 8.57 10.63 -6.62
C MET B 149 9.74 9.89 -7.27
N MET B 150 9.57 8.58 -7.48
CA MET B 150 10.64 7.78 -8.07
C MET B 150 10.96 8.29 -9.47
N ALA B 151 9.92 8.58 -10.25
CA ALA B 151 10.13 9.05 -11.62
C ALA B 151 10.82 10.41 -11.65
N ALA B 152 10.46 11.31 -10.73
CA ALA B 152 11.12 12.60 -10.59
C ALA B 152 12.59 12.43 -10.21
N ALA B 153 12.85 11.46 -9.32
CA ALA B 153 14.20 11.09 -8.93
C ALA B 153 15.01 10.63 -10.14
N GLU B 154 14.41 9.81 -10.99
CA GLU B 154 15.09 9.26 -12.16
C GLU B 154 15.38 10.36 -13.20
N ARG B 155 14.40 11.22 -13.45
CA ARG B 155 14.61 12.37 -14.35
C ARG B 155 15.80 13.23 -13.90
N ALA B 156 15.95 13.41 -12.59
CA ALA B 156 17.00 14.28 -12.05
C ALA B 156 18.35 13.57 -11.95
N SER B 157 18.34 12.26 -12.14
CA SER B 157 19.58 11.49 -12.05
C SER B 157 20.21 11.58 -10.66
N LEU B 158 19.40 11.46 -9.62
CA LEU B 158 19.92 11.55 -8.27
C LEU B 158 20.51 10.22 -7.87
N LYS B 159 21.61 10.29 -7.14
CA LYS B 159 22.35 9.12 -6.72
C LYS B 159 22.01 8.77 -5.28
N ARG B 160 22.02 7.48 -4.99
CA ARG B 160 21.80 6.99 -3.64
C ARG B 160 20.49 7.51 -3.08
N ASN B 161 19.42 7.25 -3.84
CA ASN B 161 18.07 7.52 -3.38
C ASN B 161 17.85 6.81 -2.03
N PRO B 162 17.60 7.59 -0.97
CA PRO B 162 17.50 6.93 0.35
C PRO B 162 16.24 6.08 0.51
N PHE B 163 15.23 6.29 -0.33
CA PHE B 163 13.94 5.61 -0.18
C PHE B 163 13.96 4.15 -0.67
N HIS B 164 13.25 3.27 0.03
CA HIS B 164 13.08 1.91 -0.47
C HIS B 164 12.38 1.96 -1.83
N PRO B 165 12.89 1.20 -2.80
CA PRO B 165 12.41 1.28 -4.19
C PRO B 165 11.02 0.70 -4.43
N PHE B 166 10.44 -0.09 -3.53
CA PHE B 166 9.06 -0.57 -3.75
C PHE B 166 8.17 -0.67 -2.51
N ALA B 167 8.77 -0.75 -1.33
CA ALA B 167 7.98 -0.80 -0.10
C ALA B 167 7.43 0.58 0.28
N THR B 168 6.20 0.62 0.77
CA THR B 168 5.60 1.85 1.29
C THR B 168 4.72 1.53 2.50
N PHE B 169 4.31 2.58 3.20
CA PHE B 169 3.32 2.48 4.26
C PHE B 169 2.10 3.29 3.81
N ASP B 170 1.14 2.62 3.19
CA ASP B 170 -0.07 3.28 2.70
C ASP B 170 -1.02 3.62 3.85
N THR B 171 -1.26 4.91 4.08
CA THR B 171 -2.13 5.28 5.20
C THR B 171 -3.61 4.99 4.94
N ALA B 172 -3.98 4.76 3.68
CA ALA B 172 -5.36 4.39 3.39
C ALA B 172 -5.65 3.01 3.97
N ALA B 173 -4.71 2.10 3.77
CA ALA B 173 -4.81 0.75 4.31
C ALA B 173 -4.70 0.75 5.85
N LEU B 174 -3.77 1.53 6.39
CA LEU B 174 -3.58 1.62 7.84
C LEU B 174 -4.82 2.20 8.54
N ALA B 175 -5.40 3.22 7.93
CA ALA B 175 -6.62 3.84 8.44
C ALA B 175 -7.81 2.89 8.28
N GLY B 176 -7.78 2.06 7.23
CA GLY B 176 -8.81 1.07 7.03
C GLY B 176 -8.85 0.15 8.25
N LEU B 177 -7.66 -0.27 8.68
CA LEU B 177 -7.51 -1.10 9.88
C LEU B 177 -7.84 -0.34 11.15
N ALA B 178 -7.20 0.81 11.34
CA ALA B 178 -7.27 1.49 12.62
C ALA B 178 -8.63 2.15 12.84
N LEU B 179 -9.22 2.65 11.76
CA LEU B 179 -10.34 3.60 11.87
C LEU B 179 -11.54 3.19 11.02
N GLY B 180 -11.43 2.09 10.31
CA GLY B 180 -12.48 1.67 9.39
C GLY B 180 -12.77 2.65 8.26
N GLN B 181 -11.81 3.50 7.92
CA GLN B 181 -12.03 4.49 6.86
C GLN B 181 -10.83 4.51 5.93
N THR B 182 -11.07 4.72 4.64
CA THR B 182 -9.96 4.73 3.68
C THR B 182 -9.74 6.09 2.98
N VAL B 183 -10.72 6.98 3.04
CA VAL B 183 -10.56 8.31 2.47
C VAL B 183 -9.86 9.24 3.47
N LEU B 184 -8.87 10.00 2.99
CA LEU B 184 -8.08 10.85 3.88
C LEU B 184 -8.90 11.72 4.82
N SER B 185 -9.74 12.58 4.26
CA SER B 185 -10.57 13.49 5.07
C SER B 185 -11.42 12.76 6.10
N LYS B 186 -12.06 11.67 5.70
CA LYS B 186 -12.91 10.91 6.62
C LYS B 186 -12.09 10.22 7.72
N ALA B 187 -10.92 9.72 7.34
CA ALA B 187 -10.05 9.07 8.28
C ALA B 187 -9.62 10.06 9.34
N CYS B 188 -9.18 11.24 8.91
CA CYS B 188 -8.78 12.29 9.85
C CYS B 188 -9.92 12.66 10.78
N GLN B 189 -11.12 12.82 10.24
CA GLN B 189 -12.29 13.14 11.04
C GLN B 189 -12.60 12.08 12.09
N THR B 190 -12.71 10.82 11.65
CA THR B 190 -12.92 9.69 12.54
C THR B 190 -11.88 9.65 13.66
N ALA B 191 -10.66 10.07 13.33
CA ALA B 191 -9.56 10.08 14.30
C ALA B 191 -9.61 11.30 15.20
N GLY B 192 -10.60 12.16 14.98
CA GLY B 192 -10.77 13.33 15.83
C GLY B 192 -9.96 14.54 15.41
N MET B 193 -9.45 14.49 14.18
CA MET B 193 -8.65 15.59 13.65
C MET B 193 -9.52 16.54 12.84
N ASP B 194 -9.11 17.80 12.77
CA ASP B 194 -9.68 18.74 11.82
C ASP B 194 -9.24 18.34 10.42
N PHE B 195 -10.07 18.63 9.43
CA PHE B 195 -9.66 18.56 8.02
C PHE B 195 -10.40 19.60 7.20
N ASP B 196 -9.65 20.57 6.70
CA ASP B 196 -10.21 21.69 5.94
C ASP B 196 -10.12 21.43 4.43
N SER B 197 -11.27 21.16 3.82
CA SER B 197 -11.33 20.78 2.42
C SER B 197 -10.85 21.86 1.47
N THR B 198 -10.86 23.14 1.88
CA THR B 198 -10.35 24.17 0.99
C THR B 198 -8.84 24.05 0.80
N GLN B 199 -8.20 23.26 1.65
CA GLN B 199 -6.74 23.08 1.56
C GLN B 199 -6.37 21.71 1.01
N ALA B 200 -7.38 20.98 0.54
CA ALA B 200 -7.20 19.58 0.15
C ALA B 200 -6.29 19.35 -1.06
N HIS B 201 -6.09 20.37 -1.90
CA HIS B 201 -5.28 20.20 -3.11
C HIS B 201 -3.85 20.68 -2.90
N SER B 202 -3.51 21.02 -1.66
CA SER B 202 -2.16 21.45 -1.32
C SER B 202 -1.32 20.31 -0.77
N ALA B 203 -0.18 20.04 -1.39
CA ALA B 203 0.67 18.93 -0.97
C ALA B 203 1.13 19.08 0.49
N LEU B 204 1.47 20.30 0.88
CA LEU B 204 1.90 20.55 2.26
C LEU B 204 0.80 20.21 3.27
N TYR B 205 -0.42 20.68 3.01
CA TYR B 205 -1.52 20.43 3.94
C TYR B 205 -1.78 18.93 4.05
N ASP B 206 -1.94 18.27 2.91
CA ASP B 206 -2.16 16.84 2.88
C ASP B 206 -1.06 16.07 3.60
N THR B 207 0.18 16.50 3.38
CA THR B 207 1.30 15.81 4.01
C THR B 207 1.25 15.95 5.53
N GLU B 208 0.91 17.15 6.01
CA GLU B 208 0.85 17.41 7.44
C GLU B 208 -0.28 16.62 8.11
N ARG B 209 -1.45 16.62 7.48
CA ARG B 209 -2.59 15.87 7.99
C ARG B 209 -2.28 14.36 8.00
N THR B 210 -1.62 13.88 6.96
CA THR B 210 -1.29 12.46 6.87
C THR B 210 -0.25 12.07 7.92
N ALA B 211 0.66 12.98 8.23
CA ALA B 211 1.68 12.73 9.25
C ALA B 211 1.02 12.62 10.62
N VAL B 212 0.11 13.55 10.92
CA VAL B 212 -0.57 13.52 12.20
C VAL B 212 -1.42 12.28 12.27
N LEU B 213 -2.01 11.90 11.13
CA LEU B 213 -2.85 10.71 11.06
C LEU B 213 -2.03 9.45 11.36
N PHE B 214 -0.89 9.33 10.68
CA PHE B 214 -0.02 8.15 10.84
C PHE B 214 0.46 8.06 12.29
N CYS B 215 0.83 9.19 12.87
CA CYS B 215 1.36 9.20 14.21
C CYS B 215 0.29 8.78 15.20
N GLU B 216 -0.93 9.26 14.97
CA GLU B 216 -2.05 8.93 15.84
C GLU B 216 -2.35 7.43 15.77
N ILE B 217 -2.22 6.85 14.58
CA ILE B 217 -2.44 5.42 14.40
C ILE B 217 -1.33 4.59 15.09
N VAL B 218 -0.08 4.97 14.89
CA VAL B 218 1.00 4.26 15.54
C VAL B 218 0.92 4.40 17.08
N ASN B 219 0.72 5.63 17.54
CA ASN B 219 0.61 5.92 18.98
C ASN B 219 -0.60 5.25 19.66
N ARG B 220 -1.75 5.24 18.98
CA ARG B 220 -2.93 4.59 19.55
C ARG B 220 -2.63 3.11 19.73
N TRP B 221 -1.94 2.53 18.75
CA TRP B 221 -1.59 1.12 18.79
C TRP B 221 -0.76 0.84 20.03
N LYS B 222 0.28 1.63 20.22
CA LYS B 222 1.13 1.50 21.40
C LYS B 222 0.32 1.73 22.68
N ARG B 223 -0.47 2.80 22.71
CA ARG B 223 -1.22 3.17 23.90
C ARG B 223 -2.20 2.08 24.35
N LEU B 224 -2.79 1.35 23.38
CA LEU B 224 -3.75 0.31 23.73
C LEU B 224 -3.07 -1.01 24.10
N GLY B 225 -1.76 -1.06 24.01
CA GLY B 225 -1.02 -2.24 24.43
C GLY B 225 -0.67 -3.18 23.30
N GLY B 226 -0.79 -2.70 22.06
CA GLY B 226 -0.45 -3.49 20.88
C GLY B 226 1.03 -3.51 20.58
N TRP B 227 1.77 -2.57 21.16
CA TRP B 227 3.21 -2.48 20.98
C TRP B 227 3.81 -1.85 22.22
N PRO B 228 5.00 -2.32 22.64
CA PRO B 228 5.74 -3.46 22.11
C PRO B 228 4.97 -4.77 22.22
N LEU B 229 5.48 -5.80 21.55
CA LEU B 229 4.82 -7.10 21.55
C LEU B 229 4.86 -7.74 22.95
N SER B 230 5.84 -7.33 23.74
CA SER B 230 5.99 -7.84 25.10
C SER B 230 4.96 -7.25 26.06
N ALA B 231 4.40 -6.11 25.65
CA ALA B 231 3.56 -5.31 26.56
C ALA B 231 2.25 -5.97 26.99
N ALA B 232 1.67 -6.78 26.10
CA ALA B 232 0.38 -7.41 26.37
C ALA B 232 0.37 -8.28 27.63
N GLU B 233 1.54 -8.76 28.04
CA GLU B 233 1.63 -9.57 29.26
C GLU B 233 2.13 -8.77 30.45
#